data_6XOO
#
_entry.id   6XOO
#
_cell.length_a   34.020
_cell.length_b   86.865
_cell.length_c   126.554
_cell.angle_alpha   90.000
_cell.angle_beta   90.000
_cell.angle_gamma   90.000
#
_symmetry.space_group_name_H-M   'P 21 21 21'
#
loop_
_entity.id
_entity.type
_entity.pdbx_description
1 polymer 'Lysozyme, DCN1-like protein 1 chimera'
2 non-polymer N-{(1S)-1-cyclohexyl-2-[(2-methylpropanoyl)amino]ethyl}-N~2~-propanoyl-3-[6-(propan-2-yl)-1,3-benzothiazol-2-yl]-L-alaninamide
3 water water
#
_entity_poly.entity_id   1
_entity_poly.type   'polypeptide(L)'
_entity_poly.pdbx_seq_one_letter_code
;MHHHHHHSSGVDLGTENLYFQSNAMNIFEMLRIDEGLRLKIYKDTEGYYTIGIGHLLTKSPSLNAAKSELDKAIGRNTNG
VITKDEAEKLFNQDVDAAVRGILRNAKLKPVYDSLDAVRRAALINMVFQMGETGVAGFTNSLRMLQQKRWAEAAVNLAKS
RWYNQTPNRTKRVITTFATGTWDAYKNLRKKLEQLYNRYKDPQDENKIGIDGIQQFCDDLALDPASISVLIIAWKFRAAT
QCEFSKQEFMDGMTELGCDSIEKLKAQIPKMEQELKEPGRFKDFYQFTFNFAKNPGQKGLDLEMAIAYWNLVLNGRFKFL
DLWNKFLLEHHKRSIPKDTWNLLLDFSTMIADDMSNYDEEGAWPVLIDDFVEFARPQIAGTKSTTV
;
_entity_poly.pdbx_strand_id   A
#
loop_
_chem_comp.id
_chem_comp.type
_chem_comp.name
_chem_comp.formula
H8S non-polymer N-{(1S)-1-cyclohexyl-2-[(2-methylpropanoyl)amino]ethyl}-N~2~-propanoyl-3-[6-(propan-2-yl)-1,3-benzothiazol-2-yl]-L-alaninamide 'C28 H42 N4 O3 S'
#
# COMPACT_ATOMS: atom_id res chain seq x y z
N LEU A 18 -23.00 -19.32 15.32
CA LEU A 18 -22.54 -18.00 14.88
C LEU A 18 -23.24 -17.51 13.59
N TYR A 19 -23.81 -18.43 12.80
CA TYR A 19 -24.48 -18.09 11.54
C TYR A 19 -25.78 -17.23 11.72
N PHE A 20 -26.31 -17.15 12.97
CA PHE A 20 -27.51 -16.40 13.36
C PHE A 20 -27.30 -14.93 13.71
N GLN A 21 -26.04 -14.52 14.01
CA GLN A 21 -25.62 -13.18 14.48
C GLN A 21 -26.08 -12.00 13.59
N ASN A 23 -25.92 -9.84 9.13
CA ASN A 23 -24.78 -8.92 9.15
C ASN A 23 -23.48 -9.67 8.82
N ALA A 24 -22.36 -8.93 8.67
CA ALA A 24 -20.97 -9.33 8.36
C ALA A 24 -20.57 -9.20 6.88
N MET A 25 -21.54 -9.26 5.93
CA MET A 25 -21.26 -9.15 4.49
C MET A 25 -20.76 -7.77 4.07
N ASN A 26 -21.55 -6.72 4.40
CA ASN A 26 -21.22 -5.33 4.08
C ASN A 26 -20.07 -4.84 4.93
N ILE A 27 -19.97 -5.31 6.19
CA ILE A 27 -18.93 -4.91 7.13
C ILE A 27 -17.52 -5.30 6.61
N PHE A 28 -17.35 -6.50 5.99
CA PHE A 28 -16.08 -6.95 5.45
C PHE A 28 -15.63 -6.05 4.30
N GLU A 29 -16.56 -5.70 3.40
CA GLU A 29 -16.26 -4.82 2.29
C GLU A 29 -16.02 -3.39 2.75
N MET A 30 -16.72 -2.95 3.81
CA MET A 30 -16.56 -1.63 4.40
C MET A 30 -15.13 -1.46 4.94
N LEU A 31 -14.65 -2.43 5.74
CA LEU A 31 -13.29 -2.33 6.28
C LEU A 31 -12.23 -2.71 5.26
N ARG A 32 -12.58 -3.44 4.19
CA ARG A 32 -11.63 -3.78 3.11
C ARG A 32 -11.25 -2.47 2.41
N ILE A 33 -12.24 -1.60 2.21
CA ILE A 33 -12.05 -0.28 1.60
C ILE A 33 -11.30 0.66 2.56
N ASP A 34 -11.73 0.75 3.83
CA ASP A 34 -11.15 1.67 4.80
C ASP A 34 -9.76 1.30 5.34
N GLU A 35 -9.53 0.03 5.69
CA GLU A 35 -8.27 -0.40 6.30
C GLU A 35 -7.33 -1.06 5.30
N GLY A 36 -7.89 -1.81 4.36
CA GLY A 36 -7.11 -2.52 3.36
C GLY A 36 -6.98 -3.99 3.69
N LEU A 37 -6.93 -4.81 2.65
CA LEU A 37 -6.78 -6.25 2.79
C LEU A 37 -5.41 -6.72 2.30
N ARG A 38 -4.61 -7.28 3.23
CA ARG A 38 -3.28 -7.80 2.91
C ARG A 38 -3.31 -9.34 2.96
N LEU A 39 -2.94 -9.99 1.86
CA LEU A 39 -2.97 -11.45 1.75
C LEU A 39 -1.65 -12.15 2.19
N LYS A 40 -0.61 -11.36 2.51
CA LYS A 40 0.69 -11.85 3.01
C LYS A 40 0.98 -11.23 4.37
N ILE A 41 1.65 -11.96 5.28
CA ILE A 41 2.07 -11.50 6.63
C ILE A 41 2.86 -10.18 6.52
N TYR A 42 2.42 -9.15 7.25
CA TYR A 42 3.06 -7.84 7.29
C TYR A 42 3.25 -7.33 8.72
N LYS A 43 3.93 -6.17 8.86
CA LYS A 43 4.19 -5.50 10.13
C LYS A 43 3.38 -4.20 10.19
N ASP A 44 2.70 -3.93 11.34
CA ASP A 44 1.87 -2.74 11.55
C ASP A 44 2.61 -1.60 12.28
N THR A 45 3.82 -1.91 12.81
CA THR A 45 4.71 -1.02 13.59
C THR A 45 4.02 -0.49 14.85
N TYR A 48 4.60 -5.85 15.06
CA TYR A 48 3.60 -6.90 15.27
C TYR A 48 3.19 -7.60 13.97
N TYR A 49 3.19 -8.94 13.98
CA TYR A 49 2.82 -9.81 12.86
C TYR A 49 1.32 -9.75 12.58
N THR A 50 0.94 -9.23 11.41
CA THR A 50 -0.45 -9.02 10.99
C THR A 50 -0.73 -9.59 9.57
N ILE A 51 -2.01 -9.88 9.25
CA ILE A 51 -2.49 -10.38 7.96
C ILE A 51 -3.98 -9.99 7.79
N GLY A 52 -4.54 -10.14 6.59
CA GLY A 52 -5.93 -9.83 6.29
C GLY A 52 -6.24 -8.37 6.54
N ILE A 53 -7.38 -8.08 7.19
CA ILE A 53 -7.77 -6.71 7.56
C ILE A 53 -7.42 -6.48 9.04
N GLY A 54 -6.17 -6.16 9.29
CA GLY A 54 -5.64 -5.88 10.62
C GLY A 54 -5.67 -7.02 11.61
N HIS A 55 -5.67 -8.28 11.14
CA HIS A 55 -5.69 -9.44 12.05
C HIS A 55 -4.31 -9.69 12.69
N LEU A 56 -4.19 -9.46 13.99
CA LEU A 56 -2.97 -9.71 14.74
C LEU A 56 -2.77 -11.22 14.92
N LEU A 57 -1.57 -11.72 14.59
CA LEU A 57 -1.26 -13.13 14.71
C LEU A 57 -0.57 -13.49 16.05
N THR A 58 0.41 -12.69 16.50
CA THR A 58 1.18 -12.92 17.75
C THR A 58 1.86 -11.62 18.25
N LYS A 59 2.53 -11.70 19.41
CA LYS A 59 3.30 -10.62 20.02
C LYS A 59 4.81 -10.87 19.91
N SER A 62 8.90 -13.27 16.70
CA SER A 62 9.24 -14.46 15.93
C SER A 62 8.24 -14.76 14.80
N LEU A 63 8.73 -14.79 13.56
CA LEU A 63 7.96 -15.12 12.36
C LEU A 63 7.56 -16.61 12.37
N ASN A 64 8.44 -17.50 12.89
CA ASN A 64 8.14 -18.93 13.05
C ASN A 64 6.86 -19.08 13.93
N ALA A 65 6.76 -18.30 15.04
CA ALA A 65 5.60 -18.31 15.93
C ALA A 65 4.36 -17.70 15.23
N ALA A 66 4.57 -16.66 14.38
CA ALA A 66 3.54 -15.95 13.63
C ALA A 66 2.90 -16.84 12.57
N LYS A 67 3.73 -17.59 11.85
CA LYS A 67 3.31 -18.52 10.80
C LYS A 67 2.61 -19.72 11.40
N SER A 68 3.06 -20.15 12.61
CA SER A 68 2.50 -21.29 13.35
C SER A 68 1.07 -20.95 13.81
N GLU A 69 0.87 -19.72 14.30
CA GLU A 69 -0.44 -19.22 14.74
C GLU A 69 -1.37 -19.10 13.54
N LEU A 70 -0.85 -18.61 12.39
CA LEU A 70 -1.63 -18.47 11.17
C LEU A 70 -2.03 -19.85 10.64
N ASP A 71 -1.06 -20.81 10.63
CA ASP A 71 -1.25 -22.19 10.18
C ASP A 71 -2.31 -22.92 11.00
N LYS A 72 -2.30 -22.73 12.33
CA LYS A 72 -3.27 -23.32 13.24
C LYS A 72 -4.66 -22.71 13.04
N ALA A 73 -4.75 -21.38 12.85
CA ALA A 73 -6.03 -20.67 12.65
C ALA A 73 -6.71 -21.03 11.32
N ILE A 74 -5.93 -21.20 10.26
CA ILE A 74 -6.45 -21.52 8.92
C ILE A 74 -6.63 -23.03 8.74
N GLY A 75 -5.71 -23.83 9.25
CA GLY A 75 -5.81 -25.28 9.15
C GLY A 75 -5.11 -25.88 7.96
N ARG A 76 -4.04 -25.20 7.52
CA ARG A 76 -3.16 -25.59 6.43
C ARG A 76 -1.81 -24.89 6.56
N ASN A 77 -0.79 -25.40 5.84
CA ASN A 77 0.54 -24.80 5.76
C ASN A 77 0.40 -23.65 4.76
N THR A 78 0.20 -22.43 5.28
CA THR A 78 -0.02 -21.21 4.48
C THR A 78 1.28 -20.54 4.00
N ASN A 79 2.38 -20.79 4.72
CA ASN A 79 3.68 -20.15 4.54
C ASN A 79 3.54 -18.60 4.54
N GLY A 80 2.54 -18.12 5.27
CA GLY A 80 2.25 -16.69 5.40
C GLY A 80 1.45 -16.06 4.27
N VAL A 81 0.86 -16.88 3.37
CA VAL A 81 0.02 -16.39 2.25
C VAL A 81 -1.36 -17.04 2.31
N ILE A 82 -2.42 -16.24 2.25
CA ILE A 82 -3.80 -16.70 2.36
C ILE A 82 -4.69 -16.22 1.22
N THR A 83 -5.88 -16.84 1.09
CA THR A 83 -6.88 -16.41 0.13
C THR A 83 -7.76 -15.36 0.80
N LYS A 84 -8.56 -14.63 0.00
CA LYS A 84 -9.51 -13.62 0.48
C LYS A 84 -10.55 -14.29 1.43
N ASP A 85 -11.02 -15.51 1.10
CA ASP A 85 -11.98 -16.29 1.89
C ASP A 85 -11.41 -16.59 3.28
N GLU A 86 -10.09 -16.91 3.36
CA GLU A 86 -9.42 -17.18 4.63
C GLU A 86 -9.33 -15.89 5.44
N ALA A 87 -9.02 -14.77 4.76
CA ALA A 87 -8.96 -13.44 5.38
C ALA A 87 -10.34 -13.04 5.93
N GLU A 88 -11.43 -13.42 5.21
CA GLU A 88 -12.81 -13.19 5.62
C GLU A 88 -13.17 -13.98 6.88
N LYS A 89 -12.71 -15.27 6.97
CA LYS A 89 -12.94 -16.11 8.15
C LYS A 89 -12.30 -15.43 9.36
N LEU A 90 -11.03 -15.00 9.24
CA LEU A 90 -10.30 -14.27 10.30
C LEU A 90 -11.02 -12.98 10.68
N PHE A 91 -11.49 -12.22 9.67
CA PHE A 91 -12.20 -10.96 9.90
C PHE A 91 -13.47 -11.14 10.70
N ASN A 92 -14.26 -12.19 10.40
CA ASN A 92 -15.50 -12.47 11.12
C ASN A 92 -15.25 -12.74 12.59
N GLN A 93 -14.13 -13.42 12.89
CA GLN A 93 -13.73 -13.68 14.28
C GLN A 93 -13.41 -12.35 14.99
N ASP A 94 -12.74 -11.40 14.29
CA ASP A 94 -12.36 -10.09 14.85
C ASP A 94 -13.57 -9.22 15.09
N VAL A 95 -14.57 -9.30 14.21
CA VAL A 95 -15.85 -8.58 14.34
C VAL A 95 -16.54 -9.09 15.60
N ASP A 96 -16.69 -10.43 15.72
CA ASP A 96 -17.31 -11.06 16.88
C ASP A 96 -16.64 -10.65 18.20
N ALA A 97 -15.29 -10.59 18.22
CA ALA A 97 -14.50 -10.17 19.38
C ALA A 97 -14.76 -8.69 19.68
N ALA A 98 -14.75 -7.82 18.63
CA ALA A 98 -15.03 -6.38 18.75
C ALA A 98 -16.38 -6.13 19.42
N VAL A 99 -17.44 -6.82 18.94
CA VAL A 99 -18.83 -6.72 19.43
C VAL A 99 -18.90 -7.19 20.89
N ARG A 100 -18.23 -8.30 21.23
CA ARG A 100 -18.19 -8.76 22.64
C ARG A 100 -17.56 -7.67 23.52
N GLY A 101 -16.44 -7.08 23.07
CA GLY A 101 -15.78 -5.98 23.77
C GLY A 101 -16.65 -4.74 23.93
N ILE A 102 -17.32 -4.30 22.85
CA ILE A 102 -18.24 -3.14 22.89
C ILE A 102 -19.35 -3.35 23.95
N LEU A 103 -19.92 -4.57 23.96
CA LEU A 103 -21.02 -4.93 24.88
C LEU A 103 -20.58 -4.99 26.36
N ARG A 104 -19.28 -5.26 26.64
CA ARG A 104 -18.74 -5.26 28.02
C ARG A 104 -18.41 -3.82 28.45
N ASN A 105 -18.30 -2.88 27.49
CA ASN A 105 -17.96 -1.48 27.78
C ASN A 105 -19.21 -0.70 28.08
N ALA A 106 -19.29 -0.21 29.35
CA ALA A 106 -20.39 0.55 29.92
C ALA A 106 -20.64 1.88 29.19
N LYS A 107 -19.59 2.44 28.57
CA LYS A 107 -19.67 3.69 27.82
C LYS A 107 -20.08 3.47 26.36
N LEU A 108 -19.89 2.24 25.81
CA LEU A 108 -20.21 1.93 24.42
C LEU A 108 -21.49 1.10 24.22
N LYS A 109 -21.79 0.15 25.14
CA LYS A 109 -22.97 -0.71 25.05
C LYS A 109 -24.28 0.06 24.81
N PRO A 110 -24.66 1.11 25.61
CA PRO A 110 -25.93 1.82 25.33
C PRO A 110 -26.07 2.36 23.92
N VAL A 111 -25.01 2.97 23.38
CA VAL A 111 -25.02 3.54 22.03
C VAL A 111 -25.13 2.40 21.00
N TYR A 112 -24.30 1.34 21.13
CA TYR A 112 -24.35 0.20 20.22
C TYR A 112 -25.75 -0.43 20.18
N ASP A 113 -26.34 -0.69 21.35
CA ASP A 113 -27.68 -1.28 21.50
C ASP A 113 -28.77 -0.47 20.79
N SER A 114 -28.71 0.87 20.89
CA SER A 114 -29.71 1.77 20.30
C SER A 114 -29.60 1.86 18.77
N LEU A 115 -28.39 1.60 18.20
CA LEU A 115 -28.13 1.74 16.78
C LEU A 115 -28.67 0.61 15.90
N ASP A 116 -29.07 0.97 14.66
CA ASP A 116 -29.55 0.05 13.62
C ASP A 116 -28.30 -0.71 13.07
N ALA A 117 -28.49 -1.79 12.29
CA ALA A 117 -27.38 -2.60 11.75
C ALA A 117 -26.32 -1.82 10.98
N VAL A 118 -26.72 -0.92 10.07
CA VAL A 118 -25.77 -0.13 9.27
C VAL A 118 -24.90 0.76 10.19
N ARG A 119 -25.53 1.49 11.13
CA ARG A 119 -24.80 2.38 12.03
C ARG A 119 -23.93 1.60 13.04
N ARG A 120 -24.33 0.36 13.45
CA ARG A 120 -23.49 -0.49 14.31
C ARG A 120 -22.18 -0.80 13.58
N ALA A 121 -22.26 -1.07 12.26
CA ALA A 121 -21.09 -1.35 11.41
C ALA A 121 -20.13 -0.14 11.40
N ALA A 122 -20.66 1.10 11.38
CA ALA A 122 -19.84 2.30 11.44
C ALA A 122 -19.15 2.43 12.81
N LEU A 123 -19.83 2.00 13.91
CA LEU A 123 -19.26 2.02 15.27
C LEU A 123 -18.10 0.99 15.42
N ILE A 124 -18.29 -0.24 14.91
CA ILE A 124 -17.29 -1.34 14.86
C ILE A 124 -16.09 -0.86 14.02
N ASN A 125 -16.36 -0.11 12.92
CA ASN A 125 -15.32 0.50 12.08
C ASN A 125 -14.37 1.38 12.94
N MET A 126 -14.95 2.28 13.77
CA MET A 126 -14.22 3.16 14.70
C MET A 126 -13.39 2.37 15.72
N VAL A 127 -13.99 1.32 16.33
CA VAL A 127 -13.32 0.44 17.29
C VAL A 127 -12.10 -0.24 16.62
N PHE A 128 -12.26 -0.70 15.38
CA PHE A 128 -11.18 -1.31 14.59
C PHE A 128 -10.01 -0.31 14.41
N GLN A 129 -10.33 0.98 14.16
CA GLN A 129 -9.32 2.02 13.97
C GLN A 129 -8.56 2.49 15.23
N MET A 130 -9.28 2.85 16.30
CA MET A 130 -8.69 3.45 17.49
C MET A 130 -8.95 2.71 18.81
N GLY A 131 -9.57 1.53 18.73
CA GLY A 131 -9.87 0.73 19.91
C GLY A 131 -11.03 1.26 20.71
N GLU A 132 -11.46 0.48 21.73
CA GLU A 132 -12.57 0.82 22.61
C GLU A 132 -12.40 2.16 23.32
N THR A 133 -11.24 2.36 23.99
CA THR A 133 -10.91 3.57 24.76
C THR A 133 -10.88 4.82 23.88
N GLY A 134 -10.37 4.66 22.65
CA GLY A 134 -10.33 5.72 21.64
C GLY A 134 -11.71 6.23 21.30
N VAL A 135 -12.66 5.29 21.05
CA VAL A 135 -14.06 5.57 20.71
C VAL A 135 -14.82 6.14 21.92
N ALA A 136 -14.63 5.55 23.11
CA ALA A 136 -15.24 6.00 24.36
C ALA A 136 -14.96 7.47 24.66
N GLY A 137 -13.86 7.99 24.10
CA GLY A 137 -13.45 9.39 24.23
C GLY A 137 -14.39 10.39 23.59
N PHE A 138 -15.19 9.93 22.60
CA PHE A 138 -16.18 10.74 21.86
C PHE A 138 -17.55 10.82 22.61
N THR A 139 -17.52 11.10 23.94
CA THR A 139 -18.70 11.18 24.81
C THR A 139 -19.89 11.98 24.21
N ASN A 140 -19.62 13.22 23.76
CA ASN A 140 -20.66 14.12 23.22
C ASN A 140 -21.29 13.58 21.94
N SER A 141 -20.44 13.13 20.98
CA SER A 141 -20.87 12.55 19.71
C SER A 141 -21.64 11.24 19.91
N LEU A 142 -21.16 10.37 20.82
CA LEU A 142 -21.83 9.10 21.11
C LEU A 142 -23.23 9.31 21.69
N ARG A 143 -23.39 10.30 22.59
CA ARG A 143 -24.69 10.69 23.18
C ARG A 143 -25.67 11.11 22.08
N MET A 144 -25.22 11.98 21.14
CA MET A 144 -26.02 12.45 20.02
C MET A 144 -26.49 11.31 19.15
N LEU A 145 -25.62 10.30 18.94
CA LEU A 145 -25.91 9.09 18.16
C LEU A 145 -27.01 8.29 18.85
N GLN A 146 -26.87 8.08 20.17
CA GLN A 146 -27.84 7.36 21.02
C GLN A 146 -29.21 8.03 20.93
N GLN A 147 -29.19 9.37 20.91
CA GLN A 147 -30.34 10.25 20.82
C GLN A 147 -30.93 10.35 19.40
N LYS A 148 -30.27 9.72 18.40
CA LYS A 148 -30.68 9.70 16.99
C LYS A 148 -30.65 11.11 16.37
N ARG A 149 -29.71 11.94 16.84
CA ARG A 149 -29.49 13.31 16.38
C ARG A 149 -28.35 13.22 15.36
N TRP A 150 -28.67 12.64 14.18
CA TRP A 150 -27.72 12.32 13.11
C TRP A 150 -26.96 13.52 12.58
N ALA A 151 -27.66 14.61 12.24
CA ALA A 151 -27.08 15.85 11.72
C ALA A 151 -26.06 16.41 12.70
N GLU A 152 -26.48 16.59 13.97
CA GLU A 152 -25.64 17.13 15.05
C GLU A 152 -24.40 16.26 15.29
N ALA A 153 -24.57 14.93 15.38
CA ALA A 153 -23.47 13.99 15.55
C ALA A 153 -22.47 14.06 14.38
N ALA A 154 -22.99 14.06 13.13
CA ALA A 154 -22.18 14.14 11.90
C ALA A 154 -21.31 15.40 11.86
N VAL A 155 -21.86 16.55 12.30
CA VAL A 155 -21.14 17.83 12.36
C VAL A 155 -20.06 17.76 13.49
N ASN A 156 -20.41 17.21 14.66
CA ASN A 156 -19.52 17.11 15.81
C ASN A 156 -18.30 16.19 15.59
N LEU A 157 -18.51 15.02 14.96
CA LEU A 157 -17.45 14.06 14.63
C LEU A 157 -16.41 14.62 13.63
N ALA A 158 -16.84 15.51 12.71
CA ALA A 158 -15.99 16.09 11.67
C ALA A 158 -14.99 17.15 12.19
N LYS A 159 -15.19 17.60 13.43
CA LYS A 159 -14.41 18.60 14.16
C LYS A 159 -13.26 17.97 14.98
N SER A 160 -13.06 16.65 14.91
CA SER A 160 -12.02 15.99 15.69
C SER A 160 -10.75 15.70 14.90
N ARG A 161 -9.68 15.30 15.60
CA ARG A 161 -8.39 14.93 15.01
C ARG A 161 -8.53 13.68 14.13
N TRP A 162 -9.51 12.79 14.48
CA TRP A 162 -9.86 11.58 13.73
C TRP A 162 -10.17 11.95 12.28
N TYR A 163 -10.93 13.06 12.09
CA TYR A 163 -11.31 13.61 10.79
C TYR A 163 -10.12 14.12 10.00
N ASN A 164 -9.08 14.61 10.69
CA ASN A 164 -7.89 15.16 10.06
C ASN A 164 -6.82 14.10 9.77
N GLN A 165 -6.71 13.09 10.66
CA GLN A 165 -5.74 11.98 10.54
C GLN A 165 -6.08 11.06 9.34
N THR A 166 -7.37 10.70 9.18
CA THR A 166 -7.84 9.85 8.08
C THR A 166 -9.04 10.54 7.39
N PRO A 167 -8.83 11.66 6.65
CA PRO A 167 -9.97 12.40 6.07
C PRO A 167 -10.95 11.63 5.19
N ASN A 168 -10.46 10.71 4.36
CA ASN A 168 -11.29 9.93 3.44
C ASN A 168 -12.10 8.87 4.16
N ARG A 169 -11.44 8.09 5.03
CA ARG A 169 -12.10 7.06 5.83
C ARG A 169 -13.13 7.68 6.75
N THR A 170 -12.72 8.74 7.51
CA THR A 170 -13.59 9.43 8.47
C THR A 170 -14.85 9.99 7.80
N LYS A 171 -14.71 10.63 6.62
CA LYS A 171 -15.86 11.19 5.91
C LYS A 171 -16.87 10.11 5.60
N ARG A 172 -16.39 8.91 5.16
CA ARG A 172 -17.24 7.74 4.81
C ARG A 172 -18.00 7.21 6.00
N VAL A 173 -17.31 7.06 7.16
CA VAL A 173 -17.88 6.59 8.43
C VAL A 173 -18.93 7.60 8.94
N ILE A 174 -18.61 8.91 8.87
CA ILE A 174 -19.54 9.98 9.29
C ILE A 174 -20.81 9.96 8.40
N THR A 175 -20.63 9.73 7.09
CA THR A 175 -21.75 9.64 6.17
C THR A 175 -22.63 8.45 6.52
N THR A 176 -22.02 7.35 7.02
CA THR A 176 -22.76 6.15 7.42
C THR A 176 -23.63 6.48 8.65
N PHE A 177 -23.08 7.26 9.60
CA PHE A 177 -23.84 7.69 10.78
C PHE A 177 -24.93 8.72 10.41
N ALA A 178 -24.62 9.66 9.49
CA ALA A 178 -25.57 10.69 9.06
C ALA A 178 -26.78 10.15 8.31
N THR A 179 -26.59 9.14 7.44
CA THR A 179 -27.63 8.59 6.57
C THR A 179 -28.22 7.25 6.97
N GLY A 180 -27.44 6.40 7.62
CA GLY A 180 -27.90 5.04 7.92
C GLY A 180 -27.92 4.16 6.68
N THR A 181 -27.17 4.56 5.64
CA THR A 181 -27.06 3.83 4.38
C THR A 181 -25.59 3.54 4.08
N TRP A 182 -25.35 2.70 3.06
CA TRP A 182 -24.02 2.35 2.59
C TRP A 182 -23.54 3.26 1.44
N ASP A 183 -24.28 4.35 1.14
CA ASP A 183 -24.04 5.28 0.05
C ASP A 183 -22.59 5.79 -0.10
N ALA A 184 -21.88 6.10 1.00
CA ALA A 184 -20.48 6.57 0.90
C ALA A 184 -19.58 5.49 0.24
N TYR A 185 -19.82 4.20 0.57
CA TYR A 185 -19.05 3.07 0.03
C TYR A 185 -19.54 2.69 -1.36
N LYS A 186 -20.84 2.65 -1.53
CA LYS A 186 -21.49 2.37 -2.81
C LYS A 186 -21.08 3.40 -3.86
N ASN A 187 -21.09 4.70 -3.49
CA ASN A 187 -20.75 5.77 -4.42
C ASN A 187 -19.28 5.87 -4.75
N LEU A 188 -18.39 5.47 -3.82
CA LEU A 188 -16.96 5.46 -4.15
C LEU A 188 -16.68 4.35 -5.19
N ARG A 189 -17.23 3.15 -4.96
CA ARG A 189 -17.12 1.99 -5.84
C ARG A 189 -17.67 2.32 -7.24
N LYS A 190 -18.82 3.06 -7.32
CA LYS A 190 -19.40 3.49 -8.60
C LYS A 190 -18.42 4.38 -9.34
N LYS A 191 -17.92 5.43 -8.64
CA LYS A 191 -16.97 6.40 -9.22
C LYS A 191 -15.70 5.69 -9.75
N LEU A 192 -15.16 4.74 -8.96
CA LEU A 192 -13.97 3.96 -9.34
C LEU A 192 -14.22 2.96 -10.47
N GLU A 193 -15.41 2.29 -10.49
CA GLU A 193 -15.76 1.33 -11.56
C GLU A 193 -15.96 2.07 -12.91
N GLN A 194 -16.57 3.27 -12.89
CA GLN A 194 -16.75 4.08 -14.10
C GLN A 194 -15.39 4.54 -14.64
N LEU A 195 -14.48 4.96 -13.75
CA LEU A 195 -13.14 5.40 -14.12
C LEU A 195 -12.33 4.23 -14.70
N TYR A 196 -12.46 3.04 -14.08
CA TYR A 196 -11.79 1.82 -14.50
C TYR A 196 -12.17 1.41 -15.94
N ASN A 197 -13.48 1.52 -16.28
CA ASN A 197 -14.02 1.18 -17.60
C ASN A 197 -13.34 1.88 -18.75
N ARG A 198 -12.78 3.08 -18.51
CA ARG A 198 -12.05 3.88 -19.49
C ARG A 198 -10.71 3.20 -19.84
N TYR A 199 -10.14 2.45 -18.88
CA TYR A 199 -8.82 1.86 -19.02
C TYR A 199 -8.79 0.34 -19.24
N LYS A 200 -9.85 -0.40 -18.87
CA LYS A 200 -9.85 -1.88 -18.97
C LYS A 200 -9.57 -2.40 -20.40
N ASP A 201 -8.93 -3.57 -20.47
CA ASP A 201 -8.57 -4.23 -21.74
C ASP A 201 -9.86 -4.74 -22.43
N PRO A 202 -10.12 -4.45 -23.73
CA PRO A 202 -11.35 -4.98 -24.37
C PRO A 202 -11.37 -6.52 -24.42
N GLN A 203 -10.17 -7.15 -24.53
CA GLN A 203 -9.94 -8.60 -24.58
C GLN A 203 -9.99 -9.27 -23.19
N ASP A 204 -9.82 -8.48 -22.10
CA ASP A 204 -9.84 -8.95 -20.71
C ASP A 204 -10.29 -7.85 -19.74
N GLU A 205 -11.59 -7.89 -19.35
CA GLU A 205 -12.26 -6.96 -18.42
C GLU A 205 -11.58 -6.88 -17.03
N ASN A 206 -10.87 -7.94 -16.58
CA ASN A 206 -10.23 -7.97 -15.27
C ASN A 206 -8.83 -7.31 -15.23
N LYS A 207 -8.40 -6.70 -16.33
CA LYS A 207 -7.12 -6.00 -16.33
C LYS A 207 -7.10 -4.78 -17.22
N ILE A 208 -6.09 -3.94 -17.00
CA ILE A 208 -5.80 -2.76 -17.81
C ILE A 208 -4.64 -3.19 -18.71
N GLY A 209 -4.89 -3.23 -20.01
CA GLY A 209 -3.85 -3.62 -20.96
C GLY A 209 -2.93 -2.48 -21.34
N ILE A 210 -2.09 -2.75 -22.34
CA ILE A 210 -1.10 -1.83 -22.92
C ILE A 210 -1.74 -0.48 -23.28
N ASP A 211 -2.84 -0.51 -24.03
CA ASP A 211 -3.62 0.66 -24.45
C ASP A 211 -4.16 1.45 -23.24
N GLY A 212 -4.68 0.73 -22.25
CA GLY A 212 -5.23 1.32 -21.02
C GLY A 212 -4.20 2.04 -20.19
N ILE A 213 -3.01 1.43 -20.02
CA ILE A 213 -1.90 2.01 -19.27
C ILE A 213 -1.48 3.33 -19.99
N GLN A 214 -1.33 3.28 -21.33
CA GLN A 214 -1.00 4.46 -22.13
C GLN A 214 -2.04 5.58 -21.94
N GLN A 215 -3.34 5.21 -21.95
CA GLN A 215 -4.47 6.14 -21.73
C GLN A 215 -4.42 6.76 -20.35
N PHE A 216 -4.10 5.96 -19.33
CA PHE A 216 -3.99 6.42 -17.93
C PHE A 216 -2.89 7.48 -17.81
N CYS A 217 -1.71 7.19 -18.41
CA CYS A 217 -0.57 8.12 -18.44
C CYS A 217 -0.88 9.36 -19.23
N ASP A 218 -1.59 9.23 -20.38
CA ASP A 218 -2.00 10.36 -21.21
C ASP A 218 -2.88 11.31 -20.40
N ASP A 219 -3.86 10.75 -19.66
CA ASP A 219 -4.80 11.51 -18.85
C ASP A 219 -4.08 12.28 -17.72
N LEU A 220 -3.00 11.71 -17.20
CA LEU A 220 -2.15 12.31 -16.17
C LEU A 220 -1.15 13.31 -16.79
N ALA A 221 -1.14 13.43 -18.14
CA ALA A 221 -0.21 14.25 -18.94
C ALA A 221 1.24 13.90 -18.60
N LEU A 222 1.53 12.58 -18.57
CA LEU A 222 2.87 12.05 -18.30
C LEU A 222 3.24 11.02 -19.34
N ASP A 223 4.54 10.91 -19.64
CA ASP A 223 5.05 9.87 -20.52
C ASP A 223 5.08 8.55 -19.70
N PRO A 224 4.63 7.39 -20.24
CA PRO A 224 4.65 6.14 -19.43
C PRO A 224 6.04 5.67 -18.97
N ALA A 225 7.12 6.13 -19.61
CA ALA A 225 8.48 5.77 -19.22
C ALA A 225 9.13 6.83 -18.27
N SER A 226 8.34 7.80 -17.79
CA SER A 226 8.86 8.86 -16.93
C SER A 226 9.00 8.46 -15.48
N ILE A 227 9.86 9.19 -14.75
CA ILE A 227 10.09 8.99 -13.32
C ILE A 227 8.78 9.16 -12.53
N SER A 228 7.92 10.14 -12.92
CA SER A 228 6.66 10.38 -12.23
C SER A 228 5.75 9.16 -12.23
N VAL A 229 5.66 8.45 -13.37
CA VAL A 229 4.87 7.22 -13.52
C VAL A 229 5.49 6.11 -12.67
N LEU A 230 6.84 6.04 -12.60
CA LEU A 230 7.50 5.04 -11.72
C LEU A 230 7.18 5.32 -10.24
N ILE A 231 7.11 6.60 -9.85
CA ILE A 231 6.78 6.98 -8.47
C ILE A 231 5.34 6.54 -8.19
N ILE A 232 4.42 6.76 -9.16
CA ILE A 232 3.02 6.31 -9.05
C ILE A 232 2.93 4.78 -8.86
N ALA A 233 3.68 3.99 -9.66
CA ALA A 233 3.70 2.51 -9.54
C ALA A 233 4.11 2.09 -8.16
N TRP A 234 5.12 2.77 -7.58
CA TRP A 234 5.62 2.52 -6.22
C TRP A 234 4.51 2.75 -5.21
N LYS A 235 3.80 3.89 -5.31
CA LYS A 235 2.67 4.23 -4.42
C LYS A 235 1.52 3.25 -4.56
N PHE A 236 1.30 2.70 -5.78
CA PHE A 236 0.25 1.71 -6.04
C PHE A 236 0.70 0.30 -5.68
N ARG A 237 1.97 0.11 -5.27
CA ARG A 237 2.56 -1.20 -4.96
C ARG A 237 2.35 -2.12 -6.17
N ALA A 238 2.49 -1.58 -7.39
CA ALA A 238 2.26 -2.36 -8.60
C ALA A 238 3.33 -3.46 -8.74
N ALA A 239 2.91 -4.67 -9.16
CA ALA A 239 3.79 -5.84 -9.27
C ALA A 239 4.81 -5.75 -10.39
N THR A 240 4.38 -5.39 -11.62
CA THR A 240 5.24 -5.47 -12.79
C THR A 240 4.99 -4.40 -13.82
N GLN A 241 6.08 -3.90 -14.43
CA GLN A 241 6.00 -2.89 -15.49
C GLN A 241 5.17 -3.45 -16.66
N CYS A 242 4.33 -2.59 -17.27
CA CYS A 242 3.46 -2.91 -18.41
C CYS A 242 2.30 -3.84 -18.04
N GLU A 243 2.04 -4.01 -16.76
CA GLU A 243 0.93 -4.80 -16.25
C GLU A 243 0.27 -3.98 -15.16
N PHE A 244 -1.07 -4.06 -15.09
CA PHE A 244 -1.87 -3.27 -14.18
C PHE A 244 -3.22 -3.95 -14.02
N SER A 245 -3.37 -4.67 -12.91
CA SER A 245 -4.59 -5.42 -12.64
C SER A 245 -5.67 -4.51 -12.09
N LYS A 246 -6.94 -4.96 -12.15
CA LYS A 246 -8.07 -4.22 -11.58
C LYS A 246 -7.91 -4.02 -10.05
N GLN A 247 -7.43 -5.05 -9.34
CA GLN A 247 -7.24 -4.99 -7.89
C GLN A 247 -6.18 -3.96 -7.54
N GLU A 248 -5.10 -3.87 -8.33
CA GLU A 248 -4.07 -2.83 -8.15
C GLU A 248 -4.66 -1.44 -8.32
N PHE A 249 -5.46 -1.25 -9.40
CA PHE A 249 -6.14 0.02 -9.66
C PHE A 249 -7.06 0.41 -8.49
N MET A 250 -7.99 -0.49 -8.10
CA MET A 250 -9.00 -0.23 -7.06
C MET A 250 -8.38 0.05 -5.70
N ASP A 251 -7.49 -0.85 -5.24
CA ASP A 251 -6.82 -0.72 -3.96
C ASP A 251 -5.89 0.48 -3.91
N GLY A 252 -5.20 0.74 -5.01
CA GLY A 252 -4.32 1.90 -5.12
C GLY A 252 -5.05 3.21 -5.00
N MET A 253 -6.07 3.42 -5.84
CA MET A 253 -6.86 4.66 -5.81
C MET A 253 -7.52 4.92 -4.44
N THR A 254 -8.05 3.87 -3.80
CA THR A 254 -8.71 3.96 -2.47
C THR A 254 -7.70 4.31 -1.37
N GLU A 255 -6.56 3.58 -1.31
CA GLU A 255 -5.53 3.85 -0.28
C GLU A 255 -4.98 5.27 -0.45
N LEU A 256 -4.84 5.73 -1.71
CA LEU A 256 -4.35 7.07 -2.01
C LEU A 256 -5.40 8.18 -1.83
N GLY A 257 -6.66 7.80 -1.57
CA GLY A 257 -7.76 8.74 -1.38
C GLY A 257 -8.14 9.49 -2.63
N CYS A 258 -8.03 8.82 -3.80
CA CYS A 258 -8.30 9.45 -5.10
C CYS A 258 -9.47 8.77 -5.76
N ASP A 259 -10.38 9.56 -6.35
CA ASP A 259 -11.55 9.02 -7.07
C ASP A 259 -11.60 9.52 -8.52
N SER A 260 -10.51 10.18 -8.99
CA SER A 260 -10.36 10.74 -10.32
C SER A 260 -8.88 10.90 -10.66
N ILE A 261 -8.59 11.11 -11.95
CA ILE A 261 -7.26 11.39 -12.46
C ILE A 261 -6.77 12.71 -11.89
N GLU A 262 -7.65 13.74 -11.82
CA GLU A 262 -7.29 15.05 -11.25
C GLU A 262 -6.77 14.92 -9.80
N LYS A 263 -7.42 14.09 -8.97
CA LYS A 263 -7.01 13.87 -7.57
C LYS A 263 -5.64 13.20 -7.49
N LEU A 264 -5.40 12.19 -8.34
CA LEU A 264 -4.13 11.47 -8.39
C LEU A 264 -3.03 12.40 -8.87
N LYS A 265 -3.33 13.21 -9.90
CA LYS A 265 -2.39 14.22 -10.43
C LYS A 265 -1.93 15.15 -9.28
N ALA A 266 -2.89 15.65 -8.47
CA ALA A 266 -2.60 16.55 -7.33
C ALA A 266 -1.83 15.88 -6.19
N GLN A 267 -1.75 14.53 -6.19
CA GLN A 267 -1.00 13.83 -5.16
C GLN A 267 0.49 13.68 -5.51
N ILE A 268 0.87 13.85 -6.79
CA ILE A 268 2.26 13.67 -7.28
C ILE A 268 3.30 14.53 -6.49
N PRO A 269 3.13 15.88 -6.30
CA PRO A 269 4.12 16.64 -5.51
C PRO A 269 4.45 16.04 -4.13
N LYS A 270 3.42 15.54 -3.40
CA LYS A 270 3.55 14.93 -2.08
C LYS A 270 4.43 13.66 -2.16
N MET A 271 4.24 12.85 -3.22
CA MET A 271 5.02 11.63 -3.47
C MET A 271 6.50 12.00 -3.71
N GLU A 272 6.74 13.08 -4.49
CA GLU A 272 8.08 13.62 -4.78
C GLU A 272 8.80 14.08 -3.51
N GLN A 273 8.10 14.80 -2.64
CA GLN A 273 8.65 15.28 -1.38
C GLN A 273 9.10 14.13 -0.46
N GLU A 274 8.26 13.09 -0.34
CA GLU A 274 8.51 11.86 0.45
C GLU A 274 9.86 11.25 0.08
N LEU A 275 10.19 11.26 -1.22
CA LEU A 275 11.42 10.70 -1.78
C LEU A 275 12.69 11.49 -1.44
N LYS A 276 12.56 12.71 -0.89
CA LYS A 276 13.72 13.49 -0.44
C LYS A 276 14.26 12.88 0.87
N GLU A 277 13.41 12.11 1.60
CA GLU A 277 13.81 11.44 2.83
C GLU A 277 14.51 10.12 2.44
N PRO A 278 15.77 9.89 2.91
CA PRO A 278 16.53 8.69 2.47
C PRO A 278 15.87 7.33 2.69
N GLY A 279 15.15 7.15 3.80
CA GLY A 279 14.42 5.92 4.10
C GLY A 279 13.37 5.59 3.04
N ARG A 280 12.55 6.59 2.66
CA ARG A 280 11.56 6.43 1.58
C ARG A 280 12.25 6.23 0.23
N PHE A 281 13.33 6.98 -0.05
CA PHE A 281 14.05 6.80 -1.32
C PHE A 281 14.60 5.37 -1.46
N LYS A 282 15.19 4.83 -0.39
CA LYS A 282 15.72 3.46 -0.35
C LYS A 282 14.59 2.45 -0.67
N ASP A 283 13.41 2.64 -0.06
CA ASP A 283 12.23 1.80 -0.28
C ASP A 283 11.82 1.85 -1.75
N PHE A 284 11.77 3.06 -2.35
CA PHE A 284 11.39 3.24 -3.75
C PHE A 284 12.43 2.63 -4.71
N TYR A 285 13.72 2.83 -4.37
CA TYR A 285 14.87 2.32 -5.16
C TYR A 285 14.82 0.78 -5.24
N GLN A 286 14.63 0.13 -4.11
CA GLN A 286 14.56 -1.33 -4.05
C GLN A 286 13.30 -1.87 -4.72
N PHE A 287 12.16 -1.15 -4.59
CA PHE A 287 10.89 -1.51 -5.24
C PHE A 287 11.10 -1.55 -6.77
N THR A 288 11.86 -0.58 -7.32
CA THR A 288 12.10 -0.43 -8.76
C THR A 288 12.58 -1.75 -9.36
N PHE A 289 13.54 -2.44 -8.69
CA PHE A 289 14.10 -3.71 -9.17
C PHE A 289 13.01 -4.77 -9.37
N ASN A 290 12.16 -4.98 -8.33
CA ASN A 290 11.05 -5.93 -8.33
C ASN A 290 10.04 -5.63 -9.42
N PHE A 291 9.72 -4.34 -9.57
CA PHE A 291 8.77 -3.87 -10.59
C PHE A 291 9.31 -4.02 -12.00
N ALA A 292 10.60 -3.70 -12.21
CA ALA A 292 11.23 -3.77 -13.53
C ALA A 292 11.44 -5.17 -14.06
N LYS A 293 11.66 -6.15 -13.17
CA LYS A 293 12.02 -7.50 -13.62
C LYS A 293 10.84 -8.27 -14.22
N ASN A 294 11.19 -9.28 -15.02
CA ASN A 294 10.23 -10.14 -15.67
C ASN A 294 9.76 -11.17 -14.64
N PRO A 295 8.43 -11.46 -14.59
CA PRO A 295 7.97 -12.55 -13.69
C PRO A 295 8.60 -13.88 -14.15
N GLY A 296 8.93 -14.74 -13.19
CA GLY A 296 9.54 -16.04 -13.49
C GLY A 296 11.07 -16.02 -13.48
N GLN A 297 11.65 -14.82 -13.49
CA GLN A 297 13.10 -14.57 -13.49
C GLN A 297 13.45 -13.93 -12.13
N LYS A 298 14.61 -14.26 -11.54
CA LYS A 298 15.01 -13.70 -10.24
C LYS A 298 15.87 -12.44 -10.41
N GLY A 299 16.57 -12.33 -11.52
CA GLY A 299 17.43 -11.19 -11.82
C GLY A 299 16.85 -10.28 -12.86
N LEU A 300 17.48 -9.11 -13.06
CA LEU A 300 17.05 -8.09 -14.00
C LEU A 300 18.01 -8.05 -15.20
N ASP A 301 17.46 -8.16 -16.43
CA ASP A 301 18.28 -8.11 -17.65
C ASP A 301 19.04 -6.79 -17.67
N LEU A 302 20.32 -6.83 -18.11
CA LEU A 302 21.22 -5.68 -18.12
C LEU A 302 20.64 -4.41 -18.75
N GLU A 303 20.13 -4.48 -19.99
CA GLU A 303 19.55 -3.33 -20.70
C GLU A 303 18.44 -2.69 -19.88
N MET A 304 17.59 -3.54 -19.26
CA MET A 304 16.50 -3.06 -18.42
C MET A 304 17.02 -2.40 -17.15
N ALA A 305 18.04 -3.00 -16.51
CA ALA A 305 18.63 -2.46 -15.27
C ALA A 305 19.24 -1.07 -15.54
N ILE A 306 19.95 -0.92 -16.69
CA ILE A 306 20.55 0.35 -17.09
C ILE A 306 19.48 1.43 -17.33
N ALA A 307 18.37 1.05 -17.98
CA ALA A 307 17.27 1.95 -18.28
C ALA A 307 16.60 2.49 -17.02
N TYR A 308 16.38 1.62 -16.02
CA TYR A 308 15.78 2.03 -14.75
C TYR A 308 16.77 2.78 -13.87
N TRP A 309 18.08 2.41 -13.90
CA TRP A 309 19.14 3.12 -13.17
C TRP A 309 19.27 4.56 -13.65
N ASN A 310 19.10 4.78 -14.96
CA ASN A 310 19.13 6.15 -15.49
C ASN A 310 17.94 6.95 -14.94
N LEU A 311 16.78 6.31 -14.69
CA LEU A 311 15.66 7.01 -14.06
C LEU A 311 15.84 7.28 -12.58
N VAL A 312 16.26 6.29 -11.80
CA VAL A 312 16.30 6.41 -10.34
C VAL A 312 17.64 6.97 -9.78
N LEU A 313 18.75 6.80 -10.48
CA LEU A 313 20.04 7.30 -10.00
C LEU A 313 20.52 8.57 -10.71
N ASN A 314 19.64 9.16 -11.54
CA ASN A 314 19.91 10.43 -12.22
C ASN A 314 20.10 11.50 -11.11
N GLY A 315 21.26 12.17 -11.12
CA GLY A 315 21.61 13.23 -10.18
C GLY A 315 21.95 12.75 -8.78
N ARG A 316 22.27 11.46 -8.62
CA ARG A 316 22.60 10.86 -7.32
C ARG A 316 23.88 10.05 -7.41
N PHE A 317 24.39 9.83 -8.62
CA PHE A 317 25.57 8.97 -8.84
C PHE A 317 26.46 9.56 -9.91
N LYS A 318 27.61 10.12 -9.49
CA LYS A 318 28.61 10.74 -10.36
C LYS A 318 29.09 9.81 -11.49
N PHE A 319 29.27 8.52 -11.16
CA PHE A 319 29.82 7.53 -12.08
C PHE A 319 28.77 6.69 -12.85
N LEU A 320 27.51 7.14 -12.92
CA LEU A 320 26.44 6.40 -13.60
C LEU A 320 26.76 6.02 -15.06
N ASP A 321 27.23 6.98 -15.89
CA ASP A 321 27.55 6.67 -17.29
C ASP A 321 28.72 5.69 -17.44
N LEU A 322 29.81 5.91 -16.70
CA LEU A 322 30.97 5.01 -16.71
C LEU A 322 30.53 3.61 -16.19
N TRP A 323 29.62 3.55 -15.20
CA TRP A 323 29.05 2.29 -14.68
C TRP A 323 28.32 1.55 -15.81
N ASN A 324 27.46 2.26 -16.57
CA ASN A 324 26.73 1.71 -17.72
C ASN A 324 27.70 1.17 -18.77
N LYS A 325 28.72 1.96 -19.15
CA LYS A 325 29.75 1.54 -20.12
C LYS A 325 30.50 0.28 -19.64
N PHE A 326 30.86 0.25 -18.34
CA PHE A 326 31.56 -0.88 -17.74
C PHE A 326 30.75 -2.15 -17.87
N LEU A 327 29.45 -2.11 -17.53
CA LEU A 327 28.55 -3.26 -17.58
C LEU A 327 28.30 -3.75 -18.99
N LEU A 328 28.04 -2.82 -19.94
CA LEU A 328 27.80 -3.14 -21.34
C LEU A 328 29.04 -3.77 -22.00
N GLU A 329 30.25 -3.45 -21.51
CA GLU A 329 31.48 -3.95 -22.10
C GLU A 329 32.15 -5.09 -21.36
N HIS A 330 31.97 -5.19 -20.03
CA HIS A 330 32.69 -6.20 -19.24
C HIS A 330 31.80 -7.17 -18.47
N HIS A 331 30.51 -6.84 -18.23
CA HIS A 331 29.59 -7.71 -17.51
C HIS A 331 28.74 -8.50 -18.48
N LYS A 332 27.94 -7.79 -19.31
CA LYS A 332 27.07 -8.32 -20.35
C LYS A 332 26.09 -9.42 -19.87
N ARG A 333 25.69 -9.36 -18.58
CA ARG A 333 24.78 -10.33 -17.99
C ARG A 333 23.79 -9.67 -17.01
N SER A 334 22.80 -10.46 -16.51
CA SER A 334 21.75 -10.10 -15.56
C SER A 334 22.31 -9.46 -14.27
N ILE A 335 21.51 -8.65 -13.60
CA ILE A 335 21.89 -7.98 -12.37
C ILE A 335 21.10 -8.61 -11.21
N PRO A 336 21.81 -9.22 -10.21
CA PRO A 336 21.09 -9.80 -9.07
C PRO A 336 20.59 -8.69 -8.13
N LYS A 337 19.55 -8.98 -7.34
CA LYS A 337 18.90 -8.06 -6.41
C LYS A 337 19.87 -7.42 -5.43
N ASP A 338 20.77 -8.21 -4.83
CA ASP A 338 21.72 -7.72 -3.83
C ASP A 338 22.64 -6.68 -4.42
N THR A 339 23.11 -6.93 -5.65
CA THR A 339 23.97 -5.99 -6.38
C THR A 339 23.21 -4.71 -6.66
N TRP A 340 21.93 -4.82 -7.09
CA TRP A 340 21.10 -3.64 -7.36
C TRP A 340 21.02 -2.84 -6.06
N ASN A 341 20.61 -3.49 -4.94
CA ASN A 341 20.45 -2.84 -3.64
C ASN A 341 21.72 -2.12 -3.17
N LEU A 342 22.89 -2.78 -3.31
CA LEU A 342 24.18 -2.25 -2.85
C LEU A 342 24.71 -1.11 -3.68
N LEU A 343 24.29 -0.98 -4.95
CA LEU A 343 24.75 0.13 -5.77
C LEU A 343 24.35 1.50 -5.19
N LEU A 344 23.17 1.58 -4.53
CA LEU A 344 22.74 2.84 -3.89
C LEU A 344 23.71 3.23 -2.77
N ASP A 345 24.13 2.25 -1.94
CA ASP A 345 25.11 2.49 -0.87
C ASP A 345 26.45 2.91 -1.48
N PHE A 346 26.85 2.28 -2.58
CA PHE A 346 28.12 2.63 -3.25
C PHE A 346 28.05 4.05 -3.73
N SER A 347 26.95 4.44 -4.41
CA SER A 347 26.80 5.81 -4.94
C SER A 347 26.89 6.90 -3.86
N THR A 348 26.28 6.63 -2.69
CA THR A 348 26.27 7.56 -1.57
C THR A 348 27.68 7.75 -1.00
N MET A 349 28.45 6.66 -0.79
CA MET A 349 29.72 6.79 -0.09
C MET A 349 30.92 7.14 -0.97
N ILE A 350 30.90 6.75 -2.26
CA ILE A 350 32.06 6.86 -3.14
C ILE A 350 32.56 8.30 -3.33
N ALA A 351 33.88 8.50 -3.08
CA ALA A 351 34.54 9.78 -3.27
C ALA A 351 34.65 10.03 -4.77
N ASP A 352 34.74 11.31 -5.18
CA ASP A 352 34.84 11.67 -6.59
C ASP A 352 36.08 11.05 -7.28
N ASP A 353 37.13 10.76 -6.49
CA ASP A 353 38.34 10.16 -7.03
C ASP A 353 38.43 8.66 -6.68
N MET A 354 37.38 8.10 -6.01
CA MET A 354 37.28 6.70 -5.57
C MET A 354 38.35 6.27 -4.52
N SER A 355 39.08 7.24 -3.90
CA SER A 355 40.17 6.95 -2.94
C SER A 355 39.73 6.31 -1.63
N ASN A 356 38.46 6.46 -1.25
CA ASN A 356 37.95 5.84 -0.02
C ASN A 356 37.36 4.43 -0.26
N TYR A 357 37.48 3.88 -1.48
CA TYR A 357 36.96 2.53 -1.78
C TYR A 357 37.81 1.44 -1.17
N ASP A 358 37.18 0.59 -0.36
CA ASP A 358 37.82 -0.51 0.33
C ASP A 358 37.75 -1.80 -0.51
N GLU A 359 38.84 -2.09 -1.25
CA GLU A 359 38.99 -3.27 -2.11
C GLU A 359 38.77 -4.61 -1.35
N GLU A 360 38.82 -4.57 0.00
CA GLU A 360 38.57 -5.69 0.92
C GLU A 360 37.56 -5.23 2.00
N GLY A 361 36.40 -4.75 1.54
CA GLY A 361 35.33 -4.20 2.38
C GLY A 361 33.91 -4.61 2.05
N ALA A 362 33.73 -5.90 1.67
CA ALA A 362 32.51 -6.66 1.43
C ALA A 362 31.66 -6.28 0.22
N TRP A 363 32.13 -5.40 -0.70
CA TRP A 363 31.27 -5.03 -1.85
C TRP A 363 31.13 -6.21 -2.85
N PRO A 364 30.06 -6.29 -3.69
CA PRO A 364 30.02 -7.36 -4.71
C PRO A 364 31.26 -7.26 -5.63
N VAL A 365 31.77 -8.41 -6.12
CA VAL A 365 32.93 -8.52 -7.02
C VAL A 365 32.75 -7.59 -8.21
N LEU A 366 31.52 -7.53 -8.75
CA LEU A 366 31.15 -6.64 -9.85
C LEU A 366 31.51 -5.16 -9.54
N ILE A 367 31.27 -4.71 -8.29
CA ILE A 367 31.60 -3.31 -7.92
C ILE A 367 33.13 -3.17 -7.76
N ASP A 368 33.82 -4.21 -7.20
CA ASP A 368 35.29 -4.21 -7.11
C ASP A 368 35.85 -4.08 -8.53
N ASP A 369 35.32 -4.87 -9.48
CA ASP A 369 35.73 -4.90 -10.90
C ASP A 369 35.50 -3.53 -11.52
N PHE A 370 34.34 -2.89 -11.24
CA PHE A 370 34.04 -1.54 -11.71
C PHE A 370 35.07 -0.53 -11.20
N VAL A 371 35.37 -0.52 -9.89
CA VAL A 371 36.36 0.41 -9.33
C VAL A 371 37.73 0.22 -10.00
N GLU A 372 38.16 -1.05 -10.19
CA GLU A 372 39.44 -1.38 -10.87
C GLU A 372 39.43 -0.84 -12.32
N PHE A 373 38.31 -1.04 -13.06
CA PHE A 373 38.14 -0.51 -14.42
C PHE A 373 38.10 1.04 -14.46
N ALA A 374 37.37 1.66 -13.52
CA ALA A 374 37.17 3.11 -13.46
C ALA A 374 38.35 3.93 -12.97
N ARG A 375 39.07 3.47 -11.92
CA ARG A 375 40.21 4.19 -11.31
C ARG A 375 41.22 4.77 -12.34
N PRO A 376 41.73 4.03 -13.38
CA PRO A 376 42.64 4.68 -14.37
C PRO A 376 41.97 5.84 -15.13
N GLN A 377 40.68 5.70 -15.48
CA GLN A 377 39.88 6.73 -16.15
C GLN A 377 39.52 7.92 -15.22
N ILE A 378 40.03 7.89 -13.95
CA ILE A 378 39.83 8.87 -12.88
C ILE A 378 38.38 8.83 -12.38
C1 H8S B . 0.14 2.05 -12.84
N1 H8S B . 6.86 2.25 -17.38
C2 H8S B . -0.57 3.36 -13.24
N2 H8S B . 8.60 0.21 -19.41
C3 H8S B . 1.15 1.54 -13.86
N3 H8S B . 8.72 -2.07 -21.26
C4 H8S B . 1.78 2.40 -14.79
C5 H8S B . 2.65 1.86 -15.73
C6 H8S B . 2.96 0.48 -15.74
C7 H8S B . 4.20 1.11 -17.48
C8 H8S B . 5.12 1.10 -18.64
C9 H8S B . 6.59 1.05 -18.16
C10 H8S B . 7.62 2.27 -16.22
C11 H8S B . 7.78 3.60 -15.49
C12 H8S B . 9.22 4.09 -15.67
C13 H8S B . 7.52 1.09 -19.41
C14 H8S B . 9.61 0.15 -20.50
C15 H8S B . 9.91 -1.32 -20.94
C16 H8S B . 7.97 -1.81 -22.42
C17 H8S B . 6.75 -2.66 -22.67
C18 H8S B . 6.27 -2.71 -23.93
C19 H8S B . 6.11 -3.43 -21.57
O2 H8S B . 7.30 1.86 -20.34
C20 H8S B . 10.95 0.79 -20.01
C25 H8S B . 10.73 2.03 -19.09
C24 H8S B . 12.08 2.56 -18.60
C23 H8S B . 12.97 2.91 -19.79
C22 H8S B . 13.12 1.73 -20.75
C21 H8S B . 11.75 1.28 -21.22
O1 H8S B . 8.31 -0.94 -23.24
O H8S B . 8.18 1.27 -15.79
S H8S B . 3.47 2.65 -17.02
N H8S B . 3.86 0.09 -16.74
C26 H8S B . 2.35 -0.40 -14.82
C27 H8S B . 1.45 0.13 -13.89
C H8S B . 0.74 2.23 -11.47
H5 H8S B . -0.63 1.29 -12.74
H12 H8S B . 6.45 3.11 -17.73
H6 H8S B . -1.42 3.55 -12.59
H8 H8S B . -0.94 3.35 -14.26
H7 H8S B . 0.09 4.21 -13.14
H18 H8S B . 8.73 -0.44 -18.65
H21 H8S B . 8.46 -2.80 -20.60
H9 H8S B . 1.61 3.48 -14.79
H10 H8S B . 4.94 2.01 -19.23
H11 H8S B . 4.86 0.28 -19.30
H H8S B . 6.74 0.15 -17.56
H13 H8S B . 7.55 3.53 -14.43
H14 H8S B . 7.06 4.33 -15.87
H15 H8S B . 9.49 4.19 -16.72
H16 H8S B . 9.94 3.40 -15.22
H17 H8S B . 9.39 5.06 -15.21
H1 H8S B . 9.27 0.70 -21.37
H20 H8S B . 10.47 -1.86 -20.18
H19 H8S B . 10.57 -1.31 -21.81
H24 H8S B . 5.41 -3.31 -24.19
H23 H8S B . 6.71 -2.19 -24.77
H22 H8S B . 5.33 -4.08 -21.96
H26 H8S B . 6.80 -4.10 -21.06
H29 H8S B . 11.53 0.05 -19.46
H38 H8S B . 10.12 1.79 -18.22
H39 H8S B . 10.19 2.81 -19.61
H36 H8S B . 11.93 3.44 -17.97
H37 H8S B . 12.57 1.83 -17.96
H35 H8S B . 12.56 3.78 -20.32
H34 H8S B . 13.95 3.24 -19.44
H33 H8S B . 13.76 1.98 -21.59
H32 H8S B . 13.60 0.89 -20.25
H31 H8S B . 11.85 0.52 -21.98
H30 H8S B . 11.25 2.11 -21.72
H40 H8S B . 2.62 -1.46 -14.84
H41 H8S B . 0.98 -0.54 -13.18
H4 H8S B . -0.02 2.38 -10.71
H2 H8S B . 1.40 3.09 -11.44
H3 H8S B . 1.33 1.37 -11.15
#